data_5IDX
#
_entry.id   5IDX
#
_cell.length_a   110.750
_cell.length_b   110.750
_cell.length_c   110.050
_cell.angle_alpha   90.000
_cell.angle_beta   90.000
_cell.angle_gamma   90.000
#
_symmetry.space_group_name_H-M   'P 43 21 2'
#
loop_
_entity.id
_entity.type
_entity.pdbx_description
1 polymer 'Short-chain dehydrogenase/reductase SDR'
2 non-polymer 'SULFATE ION'
3 water water
#
_entity_poly.entity_id   1
_entity_poly.type   'polypeptide(L)'
_entity_poly.pdbx_seq_one_letter_code
;MAHHHHHHMDLGIAGKTALVCAASKGLGRGCAEALAAEGVNLVIVARTRDTLERTADEIRAASNVSVATVACDITTPDGR
AAALAACPQPDILVNNAGGPPPGDFRDFSHDDWIRALESNMLTPIELIRATVDGMIARGFGRIVNITSSAVKAPIDVLAL
SNGARSGLTGFVAGLARKVVGQGVTINNLLPGLFDTDRIATTLAAAANAQGVTVDELRARRTRDIPAGRLGTRAEFGAAC
AFLCSVHAGYITGQNWLLDGGAYPGTF
;
_entity_poly.pdbx_strand_id   A,B
#
# COMPACT_ATOMS: atom_id res chain seq x y z
N HIS A 7 -8.43 -16.99 -39.04
CA HIS A 7 -8.97 -15.86 -38.29
C HIS A 7 -8.41 -15.83 -36.86
N HIS A 8 -7.13 -15.47 -36.74
CA HIS A 8 -6.48 -15.37 -35.44
C HIS A 8 -7.12 -14.27 -34.59
N MET A 9 -6.63 -14.09 -33.37
CA MET A 9 -7.30 -13.20 -32.42
C MET A 9 -6.97 -11.75 -32.73
N ASP A 10 -8.00 -10.97 -33.08
CA ASP A 10 -7.86 -9.56 -33.38
C ASP A 10 -8.14 -8.78 -32.10
N LEU A 11 -7.09 -8.19 -31.51
CA LEU A 11 -7.24 -7.43 -30.28
C LEU A 11 -7.95 -6.10 -30.49
N GLY A 12 -8.12 -5.65 -31.73
CA GLY A 12 -8.99 -4.53 -32.01
C GLY A 12 -8.46 -3.16 -31.60
N ILE A 13 -7.14 -3.03 -31.46
CA ILE A 13 -6.59 -1.77 -30.98
C ILE A 13 -5.64 -1.13 -31.98
N ALA A 14 -5.66 -1.59 -33.24
CA ALA A 14 -4.82 -0.96 -34.25
C ALA A 14 -5.20 0.50 -34.43
N GLY A 15 -4.19 1.36 -34.58
CA GLY A 15 -4.41 2.79 -34.67
C GLY A 15 -4.61 3.52 -33.37
N LYS A 16 -4.73 2.82 -32.24
CA LYS A 16 -4.79 3.50 -30.95
C LYS A 16 -3.39 4.02 -30.57
N THR A 17 -3.30 4.74 -29.47
CA THR A 17 -2.05 5.33 -29.00
C THR A 17 -1.78 4.88 -27.58
N ALA A 18 -0.54 4.46 -27.32
CA ALA A 18 -0.09 4.02 -26.00
C ALA A 18 1.09 4.85 -25.52
N LEU A 19 1.03 5.30 -24.27
CA LEU A 19 2.17 5.84 -23.55
C LEU A 19 2.74 4.76 -22.66
N VAL A 20 4.00 4.38 -22.89
CA VAL A 20 4.65 3.27 -22.19
C VAL A 20 5.86 3.80 -21.43
N CYS A 21 5.82 3.68 -20.10
CA CYS A 21 6.87 4.19 -19.22
C CYS A 21 8.00 3.19 -19.06
N ALA A 22 9.21 3.72 -18.87
CA ALA A 22 10.43 2.94 -18.68
C ALA A 22 10.51 1.80 -19.69
N ALA A 23 10.46 2.18 -20.97
CA ALA A 23 10.22 1.23 -22.05
C ALA A 23 11.42 1.04 -22.97
N SER A 24 12.60 1.53 -22.59
CA SER A 24 13.77 1.30 -23.43
C SER A 24 14.34 -0.11 -23.27
N LYS A 25 13.98 -0.81 -22.20
CA LYS A 25 14.52 -2.15 -21.95
C LYS A 25 13.53 -2.92 -21.11
N GLY A 26 13.76 -4.23 -21.00
CA GLY A 26 13.04 -5.07 -20.05
C GLY A 26 11.53 -5.16 -20.32
N LEU A 27 10.76 -5.25 -19.23
CA LEU A 27 9.33 -5.51 -19.34
C LEU A 27 8.60 -4.38 -20.05
N GLY A 28 9.00 -3.13 -19.78
CA GLY A 28 8.41 -2.02 -20.51
C GLY A 28 8.63 -2.13 -22.01
N ARG A 29 9.85 -2.47 -22.41
CA ARG A 29 10.13 -2.71 -23.83
C ARG A 29 9.25 -3.83 -24.37
N GLY A 30 9.13 -4.94 -23.63
CA GLY A 30 8.27 -6.04 -24.09
C GLY A 30 6.83 -5.62 -24.31
N CYS A 31 6.30 -4.76 -23.42
CA CYS A 31 4.96 -4.23 -23.59
C CYS A 31 4.84 -3.38 -24.84
N ALA A 32 5.81 -2.48 -25.05
CA ALA A 32 5.77 -1.64 -26.24
C ALA A 32 5.83 -2.48 -27.50
N GLU A 33 6.72 -3.48 -27.53
CA GLU A 33 6.83 -4.35 -28.69
C GLU A 33 5.51 -5.06 -28.99
N ALA A 34 4.85 -5.58 -27.94
CA ALA A 34 3.62 -6.34 -28.15
C ALA A 34 2.51 -5.43 -28.67
N LEU A 35 2.41 -4.21 -28.11
CA LEU A 35 1.39 -3.26 -28.54
C LEU A 35 1.62 -2.80 -29.98
N ALA A 36 2.87 -2.48 -30.32
CA ALA A 36 3.17 -2.08 -31.70
C ALA A 36 2.85 -3.20 -32.69
N ALA A 37 3.14 -4.44 -32.31
CA ALA A 37 2.81 -5.58 -33.14
C ALA A 37 1.30 -5.69 -33.40
N GLU A 38 0.47 -5.09 -32.55
CA GLU A 38 -0.97 -5.06 -32.78
C GLU A 38 -1.43 -3.73 -33.40
N GLY A 39 -0.50 -2.93 -33.92
CA GLY A 39 -0.85 -1.71 -34.63
C GLY A 39 -0.99 -0.48 -33.76
N VAL A 40 -0.58 -0.54 -32.50
CA VAL A 40 -0.72 0.61 -31.60
C VAL A 40 0.45 1.56 -31.80
N ASN A 41 0.16 2.82 -32.10
CA ASN A 41 1.22 3.83 -32.15
C ASN A 41 1.69 4.13 -30.74
N LEU A 42 3.00 4.39 -30.58
CA LEU A 42 3.61 4.47 -29.26
C LEU A 42 4.28 5.79 -29.00
N VAL A 43 4.28 6.18 -27.73
CA VAL A 43 5.23 7.13 -27.16
C VAL A 43 5.94 6.39 -26.03
N ILE A 44 7.26 6.24 -26.13
CA ILE A 44 8.00 5.46 -25.14
C ILE A 44 8.95 6.38 -24.38
N VAL A 45 9.02 6.16 -23.06
CA VAL A 45 9.71 7.04 -22.13
C VAL A 45 10.84 6.27 -21.44
N ALA A 46 12.00 6.91 -21.33
CA ALA A 46 13.08 6.42 -20.47
C ALA A 46 13.93 7.61 -20.07
N ARG A 47 14.93 7.35 -19.22
CA ARG A 47 15.83 8.43 -18.78
C ARG A 47 16.97 8.68 -19.77
N THR A 48 17.47 7.64 -20.44
CA THR A 48 18.67 7.72 -21.26
C THR A 48 18.31 7.79 -22.73
N ARG A 49 18.89 8.76 -23.45
CA ARG A 49 18.50 9.03 -24.83
C ARG A 49 18.92 7.88 -25.75
N ASP A 50 20.18 7.45 -25.67
CA ASP A 50 20.74 6.53 -26.66
C ASP A 50 19.96 5.22 -26.73
N THR A 51 19.77 4.57 -25.58
CA THR A 51 19.10 3.27 -25.58
C THR A 51 17.65 3.41 -26.02
N LEU A 52 16.98 4.48 -25.58
CA LEU A 52 15.59 4.71 -25.94
C LEU A 52 15.43 4.83 -27.46
N GLU A 53 16.37 5.53 -28.11
CA GLU A 53 16.30 5.73 -29.55
C GLU A 53 16.54 4.45 -30.33
N ARG A 54 17.49 3.64 -29.88
CA ARG A 54 17.74 2.36 -30.55
C ARG A 54 16.54 1.44 -30.43
N THR A 55 15.94 1.37 -29.23
CA THR A 55 14.75 0.54 -29.05
C THR A 55 13.61 1.02 -29.94
N ALA A 56 13.40 2.34 -30.01
CA ALA A 56 12.37 2.89 -30.90
C ALA A 56 12.68 2.53 -32.35
N ASP A 57 13.93 2.69 -32.78
CA ASP A 57 14.29 2.32 -34.14
C ASP A 57 13.96 0.86 -34.43
N GLU A 58 14.22 -0.03 -33.47
CA GLU A 58 13.97 -1.44 -33.68
C GLU A 58 12.47 -1.73 -33.78
N ILE A 59 11.68 -1.13 -32.88
CA ILE A 59 10.24 -1.35 -32.92
C ILE A 59 9.65 -0.78 -34.20
N ARG A 60 10.07 0.44 -34.58
CA ARG A 60 9.60 1.07 -35.79
C ARG A 60 9.87 0.20 -37.01
N ALA A 61 11.08 -0.38 -37.09
CA ALA A 61 11.43 -1.19 -38.25
C ALA A 61 10.65 -2.51 -38.29
N ALA A 62 10.34 -3.07 -37.13
CA ALA A 62 9.69 -4.38 -37.05
C ALA A 62 8.19 -4.29 -37.28
N SER A 63 7.57 -3.21 -36.85
CA SER A 63 6.13 -3.00 -37.00
CA SER A 63 6.14 -2.97 -36.98
C SER A 63 5.90 -1.86 -37.98
N ASN A 64 4.64 -1.48 -38.14
CA ASN A 64 4.32 -0.42 -39.09
C ASN A 64 3.66 0.76 -38.38
N VAL A 65 4.17 1.11 -37.20
CA VAL A 65 3.58 2.16 -36.38
C VAL A 65 4.61 3.25 -36.11
N SER A 66 4.12 4.42 -35.72
CA SER A 66 5.01 5.46 -35.25
C SER A 66 5.43 5.19 -33.82
N VAL A 67 6.67 5.54 -33.50
CA VAL A 67 7.22 5.35 -32.16
C VAL A 67 7.96 6.63 -31.81
N ALA A 68 7.31 7.50 -31.03
CA ALA A 68 7.94 8.70 -30.51
C ALA A 68 8.63 8.38 -29.19
N THR A 69 9.67 9.15 -28.88
CA THR A 69 10.47 8.93 -27.68
C THR A 69 10.54 10.20 -26.84
N VAL A 70 10.53 10.02 -25.51
CA VAL A 70 10.74 11.12 -24.56
C VAL A 70 11.82 10.66 -23.59
N ALA A 71 12.99 11.31 -23.64
CA ALA A 71 14.04 11.05 -22.67
C ALA A 71 13.87 12.07 -21.55
N CYS A 72 13.47 11.59 -20.38
CA CYS A 72 13.13 12.47 -19.26
C CYS A 72 13.12 11.65 -17.99
N ASP A 73 13.10 12.35 -16.85
CA ASP A 73 12.87 11.72 -15.55
C ASP A 73 11.39 11.94 -15.21
N ILE A 74 10.58 10.92 -15.46
CA ILE A 74 9.15 11.06 -15.29
C ILE A 74 8.73 11.25 -13.83
N THR A 75 9.65 11.13 -12.87
CA THR A 75 9.27 11.31 -11.47
C THR A 75 9.32 12.78 -11.04
N THR A 76 9.72 13.68 -11.92
CA THR A 76 9.71 15.09 -11.61
C THR A 76 8.53 15.76 -12.28
N PRO A 77 8.07 16.90 -11.76
CA PRO A 77 6.97 17.61 -12.44
C PRO A 77 7.29 17.95 -13.89
N ASP A 78 8.46 18.53 -14.14
CA ASP A 78 8.80 18.93 -15.51
C ASP A 78 9.04 17.73 -16.41
N GLY A 79 9.57 16.62 -15.88
CA GLY A 79 9.72 15.43 -16.69
C GLY A 79 8.38 14.77 -17.00
N ARG A 80 7.49 14.76 -16.02
CA ARG A 80 6.16 14.23 -16.25
CA ARG A 80 6.16 14.24 -16.25
C ARG A 80 5.42 15.07 -17.30
N ALA A 81 5.53 16.39 -17.21
CA ALA A 81 4.94 17.27 -18.21
C ALA A 81 5.53 17.02 -19.59
N ALA A 82 6.84 16.71 -19.67
CA ALA A 82 7.45 16.41 -20.95
C ALA A 82 6.83 15.19 -21.60
N ALA A 83 6.61 14.13 -20.82
CA ALA A 83 6.00 12.93 -21.37
C ALA A 83 4.57 13.18 -21.81
N LEU A 84 3.81 13.90 -20.98
CA LEU A 84 2.41 14.16 -21.32
C LEU A 84 2.28 15.11 -22.51
N ALA A 85 3.25 16.01 -22.72
CA ALA A 85 3.19 16.86 -23.91
C ALA A 85 3.37 16.04 -25.17
N ALA A 86 4.19 14.99 -25.10
CA ALA A 86 4.37 14.11 -26.25
C ALA A 86 3.19 13.17 -26.46
N CYS A 87 2.41 12.89 -25.43
CA CYS A 87 1.27 11.99 -25.53
C CYS A 87 0.13 12.51 -24.66
N PRO A 88 -0.55 13.57 -25.13
CA PRO A 88 -1.57 14.21 -24.26
CA PRO A 88 -1.56 14.20 -24.26
C PRO A 88 -2.84 13.40 -24.12
N GLN A 89 -3.18 12.55 -25.10
CA GLN A 89 -4.44 11.81 -25.09
C GLN A 89 -4.24 10.33 -25.43
N PRO A 90 -3.53 9.59 -24.58
CA PRO A 90 -3.36 8.16 -24.85
C PRO A 90 -4.66 7.39 -24.66
N ASP A 91 -4.83 6.34 -25.48
CA ASP A 91 -5.86 5.35 -25.18
C ASP A 91 -5.38 4.33 -24.16
N ILE A 92 -4.08 4.10 -24.11
CA ILE A 92 -3.45 3.06 -23.32
C ILE A 92 -2.30 3.70 -22.54
N LEU A 93 -2.23 3.41 -21.25
CA LEU A 93 -1.12 3.89 -20.41
C LEU A 93 -0.51 2.69 -19.72
N VAL A 94 0.80 2.51 -19.87
CA VAL A 94 1.52 1.46 -19.16
C VAL A 94 2.44 2.11 -18.14
N ASN A 95 2.08 2.00 -16.87
CA ASN A 95 2.90 2.52 -15.78
C ASN A 95 3.98 1.50 -15.45
N ASN A 96 5.18 2.00 -15.19
CA ASN A 96 6.33 1.11 -15.00
C ASN A 96 7.50 1.92 -14.44
N ALA A 97 8.16 1.44 -13.39
CA ALA A 97 9.32 2.15 -12.89
C ALA A 97 10.22 1.20 -12.12
N GLY A 98 11.52 1.44 -12.21
CA GLY A 98 12.46 0.68 -11.41
C GLY A 98 12.21 0.89 -9.93
N GLY A 99 12.49 -0.17 -9.15
CA GLY A 99 12.34 -0.11 -7.71
C GLY A 99 13.62 0.37 -7.06
N PRO A 100 13.57 0.66 -5.77
CA PRO A 100 14.78 1.09 -5.06
C PRO A 100 15.66 -0.10 -4.73
N PRO A 101 16.90 0.12 -4.37
CA PRO A 101 17.79 -1.00 -4.04
C PRO A 101 17.37 -1.66 -2.74
N PRO A 102 17.72 -2.91 -2.54
CA PRO A 102 17.37 -3.59 -1.29
C PRO A 102 18.10 -2.96 -0.11
N GLY A 103 17.54 -3.16 1.07
CA GLY A 103 18.20 -2.65 2.26
C GLY A 103 17.38 -2.94 3.49
N ASP A 104 17.84 -2.39 4.61
CA ASP A 104 17.19 -2.55 5.91
C ASP A 104 16.50 -1.23 6.24
N PHE A 105 15.21 -1.30 6.59
CA PHE A 105 14.46 -0.05 6.77
C PHE A 105 15.01 0.82 7.90
N ARG A 106 15.77 0.23 8.83
CA ARG A 106 16.47 1.02 9.84
C ARG A 106 17.44 2.01 9.23
N ASP A 107 17.86 1.78 7.99
CA ASP A 107 18.83 2.63 7.31
C ASP A 107 18.21 3.62 6.36
N PHE A 108 16.90 3.54 6.13
CA PHE A 108 16.22 4.39 5.17
C PHE A 108 15.85 5.72 5.83
N SER A 109 16.15 6.81 5.15
CA SER A 109 15.74 8.12 5.62
C SER A 109 14.27 8.37 5.25
N HIS A 110 13.74 9.47 5.79
CA HIS A 110 12.43 9.94 5.34
C HIS A 110 12.46 10.24 3.84
N ASP A 111 13.54 10.84 3.36
CA ASP A 111 13.63 11.18 1.94
C ASP A 111 13.69 9.93 1.07
N ASP A 112 14.35 8.87 1.55
CA ASP A 112 14.31 7.60 0.83
C ASP A 112 12.87 7.11 0.65
N TRP A 113 12.05 7.20 1.70
CA TRP A 113 10.67 6.77 1.59
C TRP A 113 9.91 7.63 0.58
N ILE A 114 10.14 8.95 0.63
CA ILE A 114 9.46 9.85 -0.30
C ILE A 114 9.84 9.52 -1.73
N ARG A 115 11.14 9.37 -2.01
CA ARG A 115 11.55 9.05 -3.39
C ARG A 115 10.92 7.76 -3.88
N ALA A 116 10.85 6.75 -3.02
CA ALA A 116 10.26 5.48 -3.43
C ALA A 116 8.77 5.63 -3.69
N LEU A 117 8.07 6.37 -2.83
CA LEU A 117 6.64 6.59 -3.03
C LEU A 117 6.38 7.41 -4.29
N GLU A 118 7.24 8.39 -4.57
CA GLU A 118 7.08 9.17 -5.79
C GLU A 118 7.24 8.30 -7.02
N SER A 119 8.30 7.49 -7.05
CA SER A 119 8.63 6.70 -8.24
C SER A 119 7.58 5.64 -8.51
N ASN A 120 7.17 4.89 -7.48
CA ASN A 120 6.37 3.69 -7.69
C ASN A 120 4.92 3.82 -7.27
N MET A 121 4.51 4.98 -6.76
CA MET A 121 3.10 5.16 -6.42
C MET A 121 2.56 6.49 -6.95
N LEU A 122 3.13 7.61 -6.51
CA LEU A 122 2.51 8.90 -6.82
C LEU A 122 2.66 9.28 -8.29
N THR A 123 3.79 8.93 -8.92
CA THR A 123 3.91 9.25 -10.34
C THR A 123 2.93 8.45 -11.19
N PRO A 124 2.79 7.12 -11.02
CA PRO A 124 1.67 6.42 -11.69
C PRO A 124 0.31 7.07 -11.46
N ILE A 125 -0.01 7.46 -10.22
CA ILE A 125 -1.32 8.06 -9.94
C ILE A 125 -1.48 9.39 -10.68
N GLU A 126 -0.42 10.21 -10.72
CA GLU A 126 -0.49 11.48 -11.44
C GLU A 126 -0.64 11.28 -12.94
N LEU A 127 0.03 10.27 -13.50
CA LEU A 127 -0.17 9.99 -14.92
C LEU A 127 -1.59 9.53 -15.20
N ILE A 128 -2.16 8.71 -14.33
CA ILE A 128 -3.57 8.34 -14.47
C ILE A 128 -4.45 9.57 -14.36
N ARG A 129 -4.17 10.39 -13.33
CA ARG A 129 -4.93 11.62 -13.12
C ARG A 129 -4.96 12.48 -14.39
N ALA A 130 -3.83 12.54 -15.11
CA ALA A 130 -3.71 13.45 -16.22
C ALA A 130 -4.36 12.93 -17.50
N THR A 131 -4.61 11.62 -17.58
CA THR A 131 -5.08 11.03 -18.83
C THR A 131 -6.45 10.39 -18.74
N VAL A 132 -6.99 10.15 -17.54
CA VAL A 132 -8.15 9.27 -17.45
C VAL A 132 -9.42 9.96 -17.96
N ASP A 133 -9.51 11.28 -17.84
CA ASP A 133 -10.70 11.96 -18.29
C ASP A 133 -10.82 11.94 -19.81
N GLY A 134 -9.69 11.94 -20.52
CA GLY A 134 -9.75 11.81 -21.96
C GLY A 134 -10.24 10.43 -22.38
N MET A 135 -9.76 9.39 -21.68
CA MET A 135 -10.25 8.04 -21.94
C MET A 135 -11.74 7.94 -21.69
N ILE A 136 -12.20 8.51 -20.57
CA ILE A 136 -13.62 8.49 -20.27
C ILE A 136 -14.41 9.20 -21.37
N ALA A 137 -13.96 10.38 -21.79
CA ALA A 137 -14.68 11.12 -22.81
C ALA A 137 -14.79 10.35 -24.12
N ARG A 138 -13.77 9.54 -24.44
CA ARG A 138 -13.78 8.74 -25.66
C ARG A 138 -14.41 7.37 -25.45
N GLY A 139 -14.79 7.01 -24.24
CA GLY A 139 -15.44 5.72 -24.03
C GLY A 139 -14.51 4.52 -24.10
N PHE A 140 -13.20 4.74 -24.01
CA PHE A 140 -12.25 3.63 -24.06
C PHE A 140 -10.97 4.04 -23.35
N GLY A 141 -10.45 3.16 -22.52
CA GLY A 141 -9.14 3.37 -21.94
C GLY A 141 -8.64 2.08 -21.33
N ARG A 142 -7.33 1.93 -21.32
CA ARG A 142 -6.69 0.75 -20.75
C ARG A 142 -5.49 1.24 -19.95
N ILE A 143 -5.49 1.00 -18.64
CA ILE A 143 -4.37 1.36 -17.77
C ILE A 143 -3.82 0.05 -17.22
N VAL A 144 -2.53 -0.18 -17.45
CA VAL A 144 -1.85 -1.38 -16.98
C VAL A 144 -0.65 -0.92 -16.14
N ASN A 145 -0.63 -1.31 -14.87
CA ASN A 145 0.46 -0.95 -13.98
C ASN A 145 1.36 -2.16 -13.75
N ILE A 146 2.62 -2.03 -14.14
CA ILE A 146 3.61 -3.07 -13.86
C ILE A 146 4.04 -2.90 -12.41
N THR A 147 3.68 -3.86 -11.55
CA THR A 147 4.08 -3.79 -10.14
C THR A 147 5.07 -4.90 -9.86
N SER A 148 4.71 -5.85 -8.99
CA SER A 148 5.66 -6.91 -8.65
C SER A 148 4.93 -8.02 -7.93
N SER A 149 5.43 -9.25 -8.07
CA SER A 149 4.88 -10.33 -7.27
C SER A 149 5.09 -10.08 -5.77
N ALA A 150 5.99 -9.15 -5.40
CA ALA A 150 6.18 -8.80 -4.00
C ALA A 150 4.93 -8.19 -3.39
N VAL A 151 4.03 -7.63 -4.21
CA VAL A 151 2.76 -7.13 -3.71
C VAL A 151 1.97 -8.25 -3.03
N LYS A 152 2.11 -9.49 -3.50
CA LYS A 152 1.41 -10.62 -2.89
C LYS A 152 2.18 -11.25 -1.75
N ALA A 153 3.51 -11.18 -1.78
CA ALA A 153 4.36 -11.78 -0.75
C ALA A 153 5.58 -10.91 -0.61
N PRO A 154 5.51 -9.88 0.23
CA PRO A 154 6.59 -8.89 0.30
C PRO A 154 7.90 -9.51 0.74
N ILE A 155 8.98 -9.05 0.11
CA ILE A 155 10.33 -9.52 0.37
C ILE A 155 10.96 -8.66 1.47
N ASP A 156 11.71 -9.30 2.35
CA ASP A 156 12.26 -8.64 3.55
C ASP A 156 13.07 -7.40 3.20
N VAL A 157 13.95 -7.51 2.19
CA VAL A 157 14.90 -6.45 1.88
C VAL A 157 14.35 -5.42 0.92
N LEU A 158 13.10 -5.55 0.47
CA LEU A 158 12.50 -4.61 -0.46
C LEU A 158 11.37 -3.82 0.20
N ALA A 159 11.57 -3.39 1.44
CA ALA A 159 10.55 -2.62 2.16
C ALA A 159 10.06 -1.41 1.37
N LEU A 160 10.99 -0.68 0.74
CA LEU A 160 10.61 0.55 0.04
C LEU A 160 9.63 0.25 -1.09
N SER A 161 9.95 -0.73 -1.94
CA SER A 161 9.01 -1.04 -3.01
C SER A 161 7.84 -1.88 -2.53
N ASN A 162 8.02 -2.72 -1.49
CA ASN A 162 6.87 -3.37 -0.88
C ASN A 162 5.82 -2.33 -0.48
N GLY A 163 6.26 -1.27 0.19
CA GLY A 163 5.31 -0.25 0.63
C GLY A 163 4.72 0.53 -0.52
N ALA A 164 5.56 1.06 -1.40
CA ALA A 164 5.07 1.94 -2.45
C ALA A 164 4.15 1.21 -3.42
N ARG A 165 4.53 0.00 -3.84
CA ARG A 165 3.69 -0.72 -4.80
C ARG A 165 2.39 -1.21 -4.18
N SER A 166 2.41 -1.54 -2.88
CA SER A 166 1.17 -1.91 -2.22
C SER A 166 0.23 -0.72 -2.11
N GLY A 167 0.78 0.48 -1.88
CA GLY A 167 -0.04 1.68 -1.88
C GLY A 167 -0.70 1.95 -3.22
N LEU A 168 0.06 1.79 -4.31
CA LEU A 168 -0.54 1.93 -5.64
C LEU A 168 -1.64 0.91 -5.84
N THR A 169 -1.40 -0.33 -5.43
CA THR A 169 -2.37 -1.40 -5.62
C THR A 169 -3.68 -1.10 -4.89
N GLY A 170 -3.60 -0.61 -3.64
CA GLY A 170 -4.83 -0.24 -2.95
C GLY A 170 -5.55 0.92 -3.61
N PHE A 171 -4.80 1.92 -4.09
CA PHE A 171 -5.44 3.02 -4.81
C PHE A 171 -6.17 2.52 -6.05
N VAL A 172 -5.51 1.65 -6.81
CA VAL A 172 -6.07 1.15 -8.06
C VAL A 172 -7.37 0.40 -7.78
N ALA A 173 -7.41 -0.40 -6.71
CA ALA A 173 -8.61 -1.18 -6.43
C ALA A 173 -9.84 -0.29 -6.31
N GLY A 174 -9.69 0.86 -5.66
CA GLY A 174 -10.80 1.78 -5.53
C GLY A 174 -11.17 2.45 -6.84
N LEU A 175 -10.17 2.93 -7.59
CA LEU A 175 -10.47 3.68 -8.80
C LEU A 175 -11.00 2.77 -9.91
N ALA A 176 -10.50 1.54 -10.02
CA ALA A 176 -10.92 0.66 -11.11
C ALA A 176 -12.43 0.49 -11.15
N ARG A 177 -13.07 0.31 -9.98
CA ARG A 177 -14.51 0.13 -9.95
C ARG A 177 -15.26 1.39 -10.34
N LYS A 178 -14.63 2.55 -10.20
CA LYS A 178 -15.30 3.82 -10.50
C LYS A 178 -15.40 4.09 -12.00
N VAL A 179 -14.41 3.70 -12.80
CA VAL A 179 -14.36 4.10 -14.20
C VAL A 179 -14.71 2.98 -15.17
N VAL A 180 -14.87 1.74 -14.71
CA VAL A 180 -15.05 0.64 -15.65
C VAL A 180 -16.33 0.80 -16.45
N GLY A 181 -17.39 1.32 -15.82
CA GLY A 181 -18.63 1.56 -16.56
C GLY A 181 -18.50 2.59 -17.67
N GLN A 182 -17.43 3.37 -17.66
CA GLN A 182 -17.18 4.36 -18.70
C GLN A 182 -16.23 3.85 -19.77
N GLY A 183 -15.93 2.55 -19.77
CA GLY A 183 -15.11 1.94 -20.79
C GLY A 183 -13.62 1.95 -20.52
N VAL A 184 -13.20 2.26 -19.30
CA VAL A 184 -11.79 2.31 -18.92
C VAL A 184 -11.53 1.21 -17.90
N THR A 185 -10.54 0.36 -18.16
CA THR A 185 -10.11 -0.63 -17.19
C THR A 185 -8.76 -0.25 -16.60
N ILE A 186 -8.52 -0.71 -15.36
CA ILE A 186 -7.24 -0.48 -14.70
C ILE A 186 -6.85 -1.81 -14.06
N ASN A 187 -5.69 -2.35 -14.45
CA ASN A 187 -5.28 -3.67 -14.00
C ASN A 187 -3.79 -3.67 -13.73
N ASN A 188 -3.35 -4.58 -12.85
CA ASN A 188 -1.95 -4.65 -12.48
C ASN A 188 -1.36 -5.98 -12.93
N LEU A 189 -0.16 -5.92 -13.53
CA LEU A 189 0.62 -7.10 -13.84
C LEU A 189 1.75 -7.21 -12.83
N LEU A 190 1.86 -8.38 -12.21
CA LEU A 190 2.80 -8.65 -11.12
C LEU A 190 3.86 -9.62 -11.60
N PRO A 191 4.98 -9.14 -12.13
CA PRO A 191 6.01 -10.06 -12.60
C PRO A 191 6.74 -10.74 -11.45
N GLY A 192 7.02 -12.02 -11.63
CA GLY A 192 8.01 -12.71 -10.83
C GLY A 192 9.39 -12.41 -11.37
N LEU A 193 10.22 -13.43 -11.55
CA LEU A 193 11.59 -13.22 -12.00
C LEU A 193 11.65 -13.37 -13.52
N PHE A 194 12.07 -12.32 -14.21
CA PHE A 194 12.11 -12.28 -15.67
C PHE A 194 13.53 -12.06 -16.17
N ASP A 195 13.79 -12.59 -17.36
CA ASP A 195 15.14 -12.63 -17.94
C ASP A 195 15.41 -11.33 -18.71
N THR A 196 15.73 -10.29 -17.96
CA THR A 196 16.07 -8.99 -18.52
C THR A 196 17.54 -8.68 -18.26
N ASP A 197 18.07 -7.71 -19.02
CA ASP A 197 19.46 -7.30 -18.82
C ASP A 197 19.68 -6.78 -17.40
N ARG A 198 18.69 -6.08 -16.84
CA ARG A 198 18.80 -5.63 -15.46
C ARG A 198 18.93 -6.80 -14.50
N ILE A 199 18.06 -7.81 -14.65
CA ILE A 199 18.14 -8.99 -13.79
C ILE A 199 19.47 -9.69 -13.97
N ALA A 200 19.97 -9.76 -15.21
CA ALA A 200 21.20 -10.47 -15.50
C ALA A 200 22.41 -9.78 -14.87
N THR A 201 22.52 -8.47 -15.05
CA THR A 201 23.65 -7.76 -14.45
C THR A 201 23.52 -7.70 -12.93
N THR A 202 22.29 -7.70 -12.42
CA THR A 202 22.09 -7.88 -10.98
C THR A 202 22.55 -9.25 -10.53
N LEU A 203 22.15 -10.30 -11.24
CA LEU A 203 22.57 -11.66 -10.92
C LEU A 203 24.09 -11.77 -10.92
N ALA A 204 24.76 -11.17 -11.90
CA ALA A 204 26.22 -11.20 -11.94
C ALA A 204 26.83 -10.46 -10.76
N ALA A 205 26.10 -9.51 -10.17
CA ALA A 205 26.59 -8.80 -8.99
C ALA A 205 26.67 -9.74 -7.79
N ALA A 206 25.53 -10.32 -7.40
CA ALA A 206 25.49 -11.23 -6.26
C ALA A 206 26.24 -12.53 -6.51
N ALA A 207 26.57 -12.86 -7.77
CA ALA A 207 27.33 -14.06 -8.06
C ALA A 207 28.81 -13.88 -7.71
N ASN A 208 29.43 -12.80 -8.20
CA ASN A 208 30.81 -12.50 -7.83
C ASN A 208 30.93 -12.17 -6.35
N ALA A 209 29.85 -11.74 -5.70
CA ALA A 209 29.89 -11.46 -4.26
C ALA A 209 29.81 -12.74 -3.45
N GLN A 210 28.85 -13.60 -3.75
CA GLN A 210 28.68 -14.85 -3.02
C GLN A 210 29.72 -15.91 -3.37
N GLY A 211 30.69 -15.58 -4.22
CA GLY A 211 31.73 -16.51 -4.62
C GLY A 211 31.32 -17.56 -5.61
N VAL A 212 30.02 -17.65 -5.96
CA VAL A 212 29.52 -18.69 -6.85
C VAL A 212 29.71 -18.26 -8.30
N THR A 213 29.54 -19.21 -9.23
CA THR A 213 29.52 -18.86 -10.64
C THR A 213 28.21 -18.16 -10.99
N VAL A 214 28.16 -17.60 -12.20
CA VAL A 214 26.91 -16.98 -12.65
C VAL A 214 25.90 -18.06 -13.01
N ASP A 215 26.36 -19.18 -13.57
CA ASP A 215 25.47 -20.29 -13.89
C ASP A 215 24.94 -20.95 -12.61
N GLU A 216 25.76 -21.01 -11.57
CA GLU A 216 25.35 -21.65 -10.32
C GLU A 216 24.24 -20.84 -9.64
N LEU A 217 24.44 -19.53 -9.50
CA LEU A 217 23.43 -18.71 -8.85
C LEU A 217 22.13 -18.67 -9.65
N ARG A 218 22.23 -18.78 -10.99
CA ARG A 218 21.03 -18.82 -11.81
C ARG A 218 20.23 -20.10 -11.54
N ALA A 219 20.92 -21.23 -11.39
CA ALA A 219 20.23 -22.48 -11.06
C ALA A 219 19.56 -22.42 -9.70
N ARG A 220 20.15 -21.67 -8.76
CA ARG A 220 19.54 -21.55 -7.44
C ARG A 220 18.21 -20.82 -7.50
N ARG A 221 18.20 -19.61 -8.11
CA ARG A 221 16.96 -18.86 -8.23
C ARG A 221 15.91 -19.61 -9.04
N THR A 222 16.36 -20.40 -10.02
CA THR A 222 15.44 -21.20 -10.81
C THR A 222 14.81 -22.30 -9.96
N ARG A 223 15.60 -22.92 -9.08
CA ARG A 223 15.09 -23.99 -8.24
C ARG A 223 13.89 -23.54 -7.41
N ASP A 224 13.79 -22.26 -7.10
CA ASP A 224 12.64 -21.73 -6.38
C ASP A 224 11.49 -21.33 -7.29
N ILE A 225 11.61 -21.53 -8.60
CA ILE A 225 10.53 -21.25 -9.54
C ILE A 225 9.97 -22.58 -10.02
N PRO A 226 8.72 -22.91 -9.70
CA PRO A 226 8.18 -24.22 -10.14
C PRO A 226 8.21 -24.39 -11.65
N ALA A 227 8.06 -23.32 -12.44
CA ALA A 227 8.12 -23.48 -13.89
C ALA A 227 9.52 -23.83 -14.39
N GLY A 228 10.54 -23.75 -13.54
CA GLY A 228 11.88 -24.14 -13.93
C GLY A 228 12.55 -23.24 -14.94
N ARG A 229 12.11 -22.01 -15.09
CA ARG A 229 12.72 -21.05 -15.99
C ARG A 229 12.36 -19.65 -15.52
N LEU A 230 13.04 -18.65 -16.09
CA LEU A 230 12.62 -17.26 -15.91
C LEU A 230 11.58 -16.91 -16.96
N GLY A 231 10.78 -15.88 -16.66
CA GLY A 231 9.88 -15.35 -17.66
C GLY A 231 10.62 -14.58 -18.75
N THR A 232 9.95 -14.37 -19.87
CA THR A 232 10.50 -13.61 -21.01
C THR A 232 9.71 -12.31 -21.20
N ARG A 233 10.38 -11.29 -21.71
CA ARG A 233 9.67 -10.03 -21.88
C ARG A 233 8.58 -10.15 -22.95
N ALA A 234 8.67 -11.12 -23.86
CA ALA A 234 7.64 -11.30 -24.88
C ALA A 234 6.34 -11.82 -24.27
N GLU A 235 6.41 -12.81 -23.39
CA GLU A 235 5.17 -13.34 -22.83
C GLU A 235 4.54 -12.33 -21.87
N PHE A 236 5.37 -11.52 -21.19
CA PHE A 236 4.83 -10.44 -20.37
C PHE A 236 4.11 -9.42 -21.23
N GLY A 237 4.74 -9.00 -22.34
CA GLY A 237 4.10 -8.06 -23.24
C GLY A 237 2.80 -8.61 -23.82
N ALA A 238 2.75 -9.91 -24.06
CA ALA A 238 1.53 -10.53 -24.58
C ALA A 238 0.38 -10.39 -23.60
N ALA A 239 0.66 -10.59 -22.31
CA ALA A 239 -0.39 -10.41 -21.30
C ALA A 239 -0.86 -8.96 -21.26
N CYS A 240 0.08 -8.02 -21.37
CA CYS A 240 -0.27 -6.61 -21.39
C CYS A 240 -1.17 -6.30 -22.58
N ALA A 241 -0.81 -6.80 -23.76
CA ALA A 241 -1.61 -6.59 -24.95
C ALA A 241 -3.02 -7.14 -24.79
N PHE A 242 -3.17 -8.35 -24.22
CA PHE A 242 -4.51 -8.88 -24.05
C PHE A 242 -5.34 -8.00 -23.14
N LEU A 243 -4.77 -7.54 -22.01
CA LEU A 243 -5.51 -6.63 -21.13
C LEU A 243 -5.95 -5.37 -21.85
N CYS A 244 -5.13 -4.89 -22.80
CA CYS A 244 -5.44 -3.66 -23.52
C CYS A 244 -6.45 -3.88 -24.64
N SER A 245 -6.88 -5.12 -24.86
CA SER A 245 -7.70 -5.43 -26.02
C SER A 245 -9.16 -5.09 -25.77
N VAL A 246 -9.93 -5.06 -26.87
CA VAL A 246 -11.37 -4.89 -26.78
C VAL A 246 -12.06 -6.11 -26.18
N HIS A 247 -11.34 -7.20 -25.95
CA HIS A 247 -11.91 -8.38 -25.34
C HIS A 247 -11.78 -8.39 -23.82
N ALA A 248 -11.18 -7.37 -23.23
CA ALA A 248 -10.90 -7.38 -21.80
C ALA A 248 -11.62 -6.24 -21.07
N GLY A 249 -12.69 -5.69 -21.66
CA GLY A 249 -13.38 -4.58 -21.00
C GLY A 249 -14.19 -4.98 -19.76
N TYR A 250 -14.41 -6.27 -19.54
CA TYR A 250 -15.10 -6.75 -18.33
C TYR A 250 -14.11 -7.13 -17.23
N ILE A 251 -12.83 -6.80 -17.41
CA ILE A 251 -11.76 -7.19 -16.50
C ILE A 251 -11.15 -5.92 -15.95
N THR A 252 -11.30 -5.67 -14.65
CA THR A 252 -10.73 -4.47 -14.07
C THR A 252 -10.38 -4.73 -12.62
N GLY A 253 -9.42 -3.96 -12.11
CA GLY A 253 -8.99 -4.14 -10.73
C GLY A 253 -8.27 -5.44 -10.46
N GLN A 254 -7.74 -6.07 -11.49
CA GLN A 254 -7.15 -7.39 -11.32
C GLN A 254 -5.64 -7.29 -11.08
N ASN A 255 -5.11 -8.30 -10.38
CA ASN A 255 -3.69 -8.38 -10.06
C ASN A 255 -3.21 -9.74 -10.59
N TRP A 256 -2.77 -9.75 -11.84
CA TRP A 256 -2.38 -10.98 -12.53
C TRP A 256 -0.94 -11.31 -12.21
N LEU A 257 -0.72 -12.46 -11.62
CA LEU A 257 0.61 -12.91 -11.21
C LEU A 257 1.26 -13.71 -12.34
N LEU A 258 2.36 -13.21 -12.87
CA LEU A 258 3.14 -13.88 -13.91
C LEU A 258 4.46 -14.31 -13.29
N ASP A 259 4.44 -15.43 -12.55
CA ASP A 259 5.64 -15.80 -11.81
C ASP A 259 5.94 -17.30 -11.86
N GLY A 260 5.44 -18.00 -12.87
CA GLY A 260 5.71 -19.43 -12.96
C GLY A 260 5.29 -20.22 -11.74
N GLY A 261 4.33 -19.71 -10.97
CA GLY A 261 3.83 -20.43 -9.82
C GLY A 261 4.64 -20.28 -8.55
N ALA A 262 5.63 -19.37 -8.53
CA ALA A 262 6.49 -19.27 -7.37
C ALA A 262 5.70 -18.87 -6.12
N TYR A 263 4.79 -17.92 -6.24
CA TYR A 263 4.00 -17.51 -5.09
C TYR A 263 3.10 -18.66 -4.66
N PRO A 264 3.13 -19.05 -3.39
CA PRO A 264 2.43 -20.29 -2.98
C PRO A 264 0.99 -20.12 -2.53
N GLY A 265 0.42 -18.91 -2.52
CA GLY A 265 -0.94 -18.73 -2.02
C GLY A 265 -2.00 -19.24 -2.98
N THR A 266 -3.12 -19.71 -2.41
CA THR A 266 -4.27 -20.07 -3.24
C THR A 266 -4.75 -18.87 -4.03
N PHE A 267 -4.84 -17.72 -3.38
CA PHE A 267 -5.19 -16.46 -3.99
C PHE A 267 -4.07 -15.46 -3.74
N HIS B 5 -13.59 -18.40 41.41
CA HIS B 5 -13.60 -19.83 41.10
C HIS B 5 -12.82 -20.12 39.81
N HIS B 6 -13.29 -19.60 38.67
CA HIS B 6 -12.62 -19.84 37.39
C HIS B 6 -11.41 -18.93 37.23
N HIS B 7 -10.38 -19.46 36.55
CA HIS B 7 -9.10 -18.77 36.43
C HIS B 7 -9.23 -17.48 35.60
N HIS B 8 -9.82 -17.59 34.41
CA HIS B 8 -9.94 -16.47 33.46
C HIS B 8 -8.59 -16.01 32.94
N MET B 9 -8.58 -15.41 31.75
CA MET B 9 -7.37 -15.34 30.95
C MET B 9 -6.41 -14.26 31.45
N ASP B 10 -5.25 -14.70 31.93
CA ASP B 10 -4.14 -13.81 32.27
C ASP B 10 -3.30 -13.60 31.01
N LEU B 11 -3.31 -12.37 30.50
CA LEU B 11 -2.56 -12.11 29.27
C LEU B 11 -1.06 -12.04 29.49
N GLY B 12 -0.59 -12.06 30.74
CA GLY B 12 0.83 -12.14 31.04
C GLY B 12 1.65 -10.89 30.83
N ILE B 13 1.03 -9.73 30.68
CA ILE B 13 1.77 -8.53 30.32
C ILE B 13 1.70 -7.45 31.40
N ALA B 14 1.26 -7.83 32.61
CA ALA B 14 1.28 -6.87 33.72
C ALA B 14 2.68 -6.34 33.94
N GLY B 15 2.77 -5.03 34.16
CA GLY B 15 4.06 -4.39 34.36
C GLY B 15 4.81 -4.01 33.10
N LYS B 16 4.31 -4.37 31.92
CA LYS B 16 4.90 -3.87 30.69
C LYS B 16 4.39 -2.45 30.42
N THR B 17 4.96 -1.82 29.38
CA THR B 17 4.64 -0.45 29.02
C THR B 17 4.15 -0.38 27.57
N ALA B 18 3.04 0.32 27.34
CA ALA B 18 2.51 0.54 26.00
C ALA B 18 2.50 2.02 25.65
N LEU B 19 2.90 2.31 24.42
CA LEU B 19 2.74 3.63 23.82
C LEU B 19 1.54 3.55 22.87
N VAL B 20 0.48 4.31 23.17
CA VAL B 20 -0.77 4.22 22.43
C VAL B 20 -1.05 5.56 21.76
N CYS B 21 -1.16 5.55 20.43
CA CYS B 21 -1.33 6.76 19.66
C CYS B 21 -2.80 7.12 19.52
N ALA B 22 -3.08 8.43 19.43
CA ALA B 22 -4.43 8.98 19.35
C ALA B 22 -5.35 8.27 20.34
N ALA B 23 -4.96 8.34 21.61
CA ALA B 23 -5.59 7.55 22.66
C ALA B 23 -6.55 8.36 23.52
N SER B 24 -6.86 9.59 23.14
CA SER B 24 -7.75 10.38 23.97
C SER B 24 -9.21 9.93 23.85
N LYS B 25 -9.59 9.29 22.74
CA LYS B 25 -10.97 8.84 22.56
C LYS B 25 -10.99 7.74 21.52
N GLY B 26 -12.19 7.20 21.27
CA GLY B 26 -12.36 6.25 20.17
C GLY B 26 -11.57 4.97 20.37
N LEU B 27 -11.14 4.40 19.23
CA LEU B 27 -10.53 3.08 19.24
C LEU B 27 -9.21 3.09 20.01
N GLY B 28 -8.45 4.17 19.90
CA GLY B 28 -7.22 4.26 20.67
C GLY B 28 -7.47 4.28 22.17
N ARG B 29 -8.51 4.97 22.60
CA ARG B 29 -8.86 4.93 24.02
C ARG B 29 -9.31 3.52 24.42
N GLY B 30 -10.05 2.84 23.53
CA GLY B 30 -10.43 1.47 23.82
C GLY B 30 -9.23 0.56 24.02
N CYS B 31 -8.20 0.71 23.18
CA CYS B 31 -7.00 -0.10 23.37
C CYS B 31 -6.30 0.25 24.67
N ALA B 32 -6.19 1.55 24.98
CA ALA B 32 -5.52 1.95 26.22
C ALA B 32 -6.23 1.36 27.44
N GLU B 33 -7.56 1.44 27.48
CA GLU B 33 -8.30 0.95 28.63
C GLU B 33 -8.19 -0.57 28.75
N ALA B 34 -8.18 -1.28 27.61
CA ALA B 34 -8.06 -2.73 27.68
C ALA B 34 -6.68 -3.16 28.16
N LEU B 35 -5.63 -2.42 27.76
CA LEU B 35 -4.29 -2.75 28.23
C LEU B 35 -4.12 -2.40 29.71
N ALA B 36 -4.71 -1.28 30.15
CA ALA B 36 -4.61 -0.91 31.55
C ALA B 36 -5.25 -1.97 32.45
N ALA B 37 -6.36 -2.57 31.99
CA ALA B 37 -6.98 -3.64 32.77
C ALA B 37 -6.11 -4.89 32.84
N GLU B 38 -5.12 -5.02 31.98
CA GLU B 38 -4.17 -6.13 32.04
C GLU B 38 -2.92 -5.78 32.83
N GLY B 39 -2.88 -4.62 33.50
CA GLY B 39 -1.72 -4.22 34.27
C GLY B 39 -0.62 -3.54 33.48
N VAL B 40 -0.91 -3.10 32.25
CA VAL B 40 0.09 -2.46 31.40
C VAL B 40 0.11 -0.97 31.71
N ASN B 41 1.29 -0.46 32.04
CA ASN B 41 1.45 0.97 32.23
C ASN B 41 1.42 1.67 30.88
N LEU B 42 0.89 2.89 30.87
CA LEU B 42 0.53 3.57 29.63
C LEU B 42 1.26 4.90 29.45
N VAL B 43 1.63 5.17 28.20
CA VAL B 43 1.89 6.52 27.71
C VAL B 43 0.92 6.74 26.56
N ILE B 44 0.02 7.71 26.71
CA ILE B 44 -1.03 7.95 25.71
C ILE B 44 -0.79 9.29 25.03
N VAL B 45 -1.01 9.33 23.71
CA VAL B 45 -0.65 10.46 22.85
C VAL B 45 -1.89 11.01 22.18
N ALA B 46 -1.98 12.34 22.08
CA ALA B 46 -2.98 13.02 21.28
C ALA B 46 -2.48 14.43 21.02
N ARG B 47 -3.12 15.11 20.07
CA ARG B 47 -2.67 16.47 19.75
C ARG B 47 -3.13 17.49 20.79
N THR B 48 -4.34 17.33 21.33
CA THR B 48 -4.90 18.33 22.23
C THR B 48 -4.74 17.89 23.68
N ARG B 49 -4.34 18.84 24.52
CA ARG B 49 -3.97 18.53 25.90
CA ARG B 49 -3.97 18.53 25.90
C ARG B 49 -5.19 18.26 26.77
N ASP B 50 -6.21 19.12 26.68
CA ASP B 50 -7.31 19.08 27.65
C ASP B 50 -8.02 17.74 27.63
N THR B 51 -8.42 17.27 26.44
CA THR B 51 -9.12 15.99 26.37
C THR B 51 -8.21 14.84 26.78
N LEU B 52 -6.95 14.88 26.36
CA LEU B 52 -6.01 13.81 26.67
C LEU B 52 -5.79 13.69 28.18
N GLU B 53 -5.60 14.81 28.87
CA GLU B 53 -5.33 14.71 30.30
C GLU B 53 -6.58 14.28 31.06
N ARG B 54 -7.76 14.68 30.59
CA ARG B 54 -9.00 14.19 31.17
C ARG B 54 -9.10 12.67 31.05
N THR B 55 -8.78 12.14 29.87
CA THR B 55 -8.79 10.69 29.67
C THR B 55 -7.82 10.00 30.61
N ALA B 56 -6.60 10.54 30.74
CA ALA B 56 -5.63 9.98 31.70
C ALA B 56 -6.21 9.94 33.11
N ASP B 57 -6.84 11.03 33.54
CA ASP B 57 -7.51 11.07 34.84
C ASP B 57 -8.45 9.89 35.01
N GLU B 58 -9.27 9.64 33.99
CA GLU B 58 -10.31 8.62 34.08
C GLU B 58 -9.72 7.22 34.05
N ILE B 59 -8.68 7.00 33.23
CA ILE B 59 -8.05 5.68 33.20
C ILE B 59 -7.37 5.39 34.52
N ARG B 60 -6.69 6.40 35.11
CA ARG B 60 -6.05 6.23 36.41
C ARG B 60 -7.03 5.78 37.47
N ALA B 61 -8.22 6.38 37.48
CA ALA B 61 -9.24 6.03 38.47
C ALA B 61 -9.76 4.62 38.26
N ALA B 62 -9.86 4.18 37.00
CA ALA B 62 -10.48 2.91 36.65
C ALA B 62 -9.52 1.73 36.73
N SER B 63 -8.22 1.96 36.85
CA SER B 63 -7.24 0.89 36.75
C SER B 63 -6.23 1.03 37.88
N ASN B 64 -5.23 0.16 37.87
CA ASN B 64 -4.16 0.16 38.87
C ASN B 64 -2.80 0.35 38.23
N VAL B 65 -2.73 1.09 37.12
CA VAL B 65 -1.49 1.29 36.39
C VAL B 65 -1.17 2.79 36.35
N SER B 66 0.07 3.11 35.99
CA SER B 66 0.47 4.48 35.78
C SER B 66 0.12 4.90 34.36
N VAL B 67 -0.31 6.15 34.22
CA VAL B 67 -0.68 6.71 32.92
C VAL B 67 0.07 8.03 32.79
N ALA B 68 0.82 8.17 31.70
CA ALA B 68 1.46 9.44 31.36
C ALA B 68 0.94 9.92 30.01
N THR B 69 0.97 11.23 29.80
CA THR B 69 0.40 11.86 28.61
C THR B 69 1.45 12.68 27.87
N VAL B 70 1.37 12.68 26.54
CA VAL B 70 2.17 13.56 25.69
C VAL B 70 1.21 14.22 24.70
N ALA B 71 1.02 15.52 24.83
CA ALA B 71 0.27 16.28 23.85
C ALA B 71 1.24 16.71 22.76
N CYS B 72 1.10 16.15 21.56
CA CYS B 72 2.05 16.42 20.49
C CYS B 72 1.44 16.00 19.16
N ASP B 73 2.14 16.35 18.07
CA ASP B 73 1.74 15.96 16.72
C ASP B 73 2.75 14.93 16.22
N ILE B 74 2.39 13.66 16.28
CA ILE B 74 3.34 12.61 15.89
C ILE B 74 3.61 12.57 14.40
N THR B 75 2.90 13.37 13.58
CA THR B 75 3.24 13.45 12.17
C THR B 75 4.42 14.37 11.90
N THR B 76 4.97 15.03 12.92
CA THR B 76 6.17 15.81 12.70
C THR B 76 7.36 15.17 13.41
N PRO B 77 8.59 15.43 12.94
CA PRO B 77 9.77 14.94 13.68
C PRO B 77 9.79 15.38 15.15
N ASP B 78 9.41 16.62 15.44
CA ASP B 78 9.42 17.10 16.82
C ASP B 78 8.40 16.36 17.67
N GLY B 79 7.20 16.16 17.12
CA GLY B 79 6.18 15.42 17.85
C GLY B 79 6.59 13.98 18.13
N ARG B 80 7.25 13.33 17.15
CA ARG B 80 7.70 11.97 17.37
C ARG B 80 8.79 11.91 18.43
N ALA B 81 9.70 12.89 18.42
CA ALA B 81 10.74 12.98 19.43
C ALA B 81 10.15 13.17 20.81
N ALA B 82 9.11 14.01 20.91
CA ALA B 82 8.44 14.22 22.19
C ALA B 82 7.81 12.93 22.71
N ALA B 83 7.13 12.18 21.83
CA ALA B 83 6.52 10.93 22.24
C ALA B 83 7.58 9.94 22.72
N LEU B 84 8.68 9.82 21.98
CA LEU B 84 9.73 8.88 22.34
C LEU B 84 10.52 9.34 23.58
N ALA B 85 10.58 10.63 23.85
CA ALA B 85 11.19 11.06 25.11
C ALA B 85 10.37 10.59 26.31
N ALA B 86 9.05 10.64 26.19
CA ALA B 86 8.19 10.23 27.29
C ALA B 86 8.06 8.72 27.40
N CYS B 87 8.32 7.98 26.33
CA CYS B 87 8.23 6.52 26.34
C CYS B 87 9.35 5.94 25.48
N PRO B 88 10.59 6.00 25.98
CA PRO B 88 11.73 5.61 25.13
C PRO B 88 11.82 4.13 24.82
N GLN B 89 11.26 3.25 25.66
CA GLN B 89 11.42 1.80 25.49
C GLN B 89 10.11 1.07 25.68
N PRO B 90 9.10 1.34 24.84
CA PRO B 90 7.84 0.62 24.98
C PRO B 90 8.00 -0.86 24.64
N ASP B 91 7.27 -1.71 25.41
CA ASP B 91 7.10 -3.10 25.00
C ASP B 91 6.03 -3.25 23.95
N ILE B 92 5.05 -2.36 23.96
CA ILE B 92 3.86 -2.43 23.11
C ILE B 92 3.70 -1.08 22.44
N LEU B 93 3.40 -1.10 21.14
CA LEU B 93 3.17 0.12 20.36
C LEU B 93 1.87 -0.05 19.60
N VAL B 94 0.94 0.88 19.79
CA VAL B 94 -0.32 0.87 19.04
C VAL B 94 -0.32 2.09 18.13
N ASN B 95 -0.15 1.87 16.82
CA ASN B 95 -0.23 2.96 15.85
C ASN B 95 -1.69 3.24 15.49
N ASN B 96 -2.01 4.52 15.33
CA ASN B 96 -3.40 4.94 15.18
C ASN B 96 -3.46 6.39 14.73
N ALA B 97 -4.22 6.68 13.69
CA ALA B 97 -4.38 8.06 13.24
C ALA B 97 -5.64 8.17 12.41
N GLY B 98 -6.31 9.32 12.53
CA GLY B 98 -7.44 9.59 11.65
C GLY B 98 -7.02 9.70 10.20
N GLY B 99 -7.93 9.33 9.31
CA GLY B 99 -7.65 9.37 7.90
C GLY B 99 -8.06 10.67 7.26
N PRO B 100 -7.63 10.90 6.02
CA PRO B 100 -7.95 12.15 5.34
C PRO B 100 -9.42 12.20 4.96
N PRO B 101 -9.94 13.38 4.65
CA PRO B 101 -11.35 13.47 4.24
C PRO B 101 -11.54 12.81 2.89
N PRO B 102 -12.77 12.40 2.58
CA PRO B 102 -13.04 11.77 1.29
C PRO B 102 -13.09 12.81 0.18
N GLY B 103 -12.85 12.34 -1.04
CA GLY B 103 -12.94 13.21 -2.19
C GLY B 103 -12.59 12.44 -3.45
N ASP B 104 -12.54 13.17 -4.55
CA ASP B 104 -12.14 12.60 -5.84
C ASP B 104 -10.66 12.91 -6.09
N PHE B 105 -9.88 11.88 -6.41
CA PHE B 105 -8.44 12.05 -6.53
C PHE B 105 -8.06 13.03 -7.65
N ARG B 106 -8.97 13.32 -8.58
CA ARG B 106 -8.66 14.31 -9.60
C ARG B 106 -8.62 15.73 -9.02
N ASP B 107 -9.18 15.93 -7.83
CA ASP B 107 -9.14 17.22 -7.15
C ASP B 107 -8.05 17.30 -6.09
N PHE B 108 -7.27 16.23 -5.90
CA PHE B 108 -6.22 16.25 -4.89
C PHE B 108 -4.99 16.98 -5.40
N SER B 109 -4.38 17.77 -4.52
CA SER B 109 -3.07 18.29 -4.82
C SER B 109 -2.04 17.23 -4.46
N HIS B 110 -0.81 17.42 -4.96
CA HIS B 110 0.28 16.53 -4.60
C HIS B 110 0.47 16.48 -3.07
N ASP B 111 0.28 17.63 -2.40
CA ASP B 111 0.47 17.68 -0.95
C ASP B 111 -0.59 16.89 -0.20
N ASP B 112 -1.79 16.74 -0.79
CA ASP B 112 -2.80 15.88 -0.16
C ASP B 112 -2.27 14.47 -0.02
N TRP B 113 -1.60 13.95 -1.06
CA TRP B 113 -1.02 12.62 -1.00
C TRP B 113 0.10 12.55 0.02
N ILE B 114 0.98 13.55 0.04
CA ILE B 114 2.10 13.52 0.97
C ILE B 114 1.60 13.51 2.40
N ARG B 115 0.62 14.36 2.72
CA ARG B 115 0.13 14.42 4.10
C ARG B 115 -0.56 13.13 4.51
N ALA B 116 -1.30 12.50 3.59
CA ALA B 116 -1.94 11.22 3.88
C ALA B 116 -0.91 10.12 4.10
N LEU B 117 0.13 10.09 3.26
CA LEU B 117 1.18 9.10 3.43
C LEU B 117 1.94 9.32 4.73
N GLU B 118 2.19 10.58 5.08
CA GLU B 118 2.84 10.88 6.35
C GLU B 118 2.02 10.35 7.53
N SER B 119 0.74 10.74 7.59
CA SER B 119 -0.09 10.42 8.74
C SER B 119 -0.32 8.91 8.89
N ASN B 120 -0.61 8.23 7.80
CA ASN B 120 -1.13 6.86 7.87
C ASN B 120 -0.13 5.80 7.47
N MET B 121 1.09 6.19 7.05
CA MET B 121 2.07 5.19 6.67
C MET B 121 3.45 5.49 7.23
N LEU B 122 4.01 6.67 6.92
CA LEU B 122 5.40 6.95 7.30
C LEU B 122 5.54 7.21 8.79
N THR B 123 4.57 7.88 9.41
CA THR B 123 4.64 8.04 10.86
C THR B 123 4.61 6.71 11.59
N PRO B 124 3.68 5.78 11.31
CA PRO B 124 3.79 4.45 11.92
C PRO B 124 5.10 3.75 11.64
N ILE B 125 5.62 3.81 10.41
CA ILE B 125 6.88 3.14 10.12
C ILE B 125 8.01 3.74 10.94
N GLU B 126 8.03 5.08 11.05
CA GLU B 126 9.09 5.72 11.84
CA GLU B 126 9.08 5.73 11.84
C GLU B 126 9.02 5.35 13.31
N LEU B 127 7.81 5.25 13.87
CA LEU B 127 7.71 4.88 15.29
C LEU B 127 8.13 3.43 15.51
N ILE B 128 7.79 2.55 14.57
CA ILE B 128 8.32 1.19 14.59
C ILE B 128 9.84 1.19 14.52
N ARG B 129 10.40 1.98 13.60
CA ARG B 129 11.86 2.03 13.47
C ARG B 129 12.52 2.48 14.76
N ALA B 130 11.88 3.41 15.47
CA ALA B 130 12.48 3.96 16.69
C ALA B 130 12.33 3.05 17.90
N THR B 131 11.45 2.06 17.85
CA THR B 131 11.16 1.25 19.03
C THR B 131 11.48 -0.22 18.88
N VAL B 132 11.71 -0.71 17.66
CA VAL B 132 11.78 -2.16 17.49
C VAL B 132 13.08 -2.74 18.03
N ASP B 133 14.19 -2.00 17.96
CA ASP B 133 15.46 -2.56 18.41
C ASP B 133 15.44 -2.83 19.91
N GLY B 134 14.79 -1.96 20.69
CA GLY B 134 14.67 -2.23 22.12
C GLY B 134 13.80 -3.45 22.39
N MET B 135 12.71 -3.60 21.65
CA MET B 135 11.87 -4.80 21.79
C MET B 135 12.68 -6.06 21.50
N ILE B 136 13.49 -6.03 20.44
CA ILE B 136 14.34 -7.17 20.11
C ILE B 136 15.32 -7.44 21.24
N ALA B 137 15.95 -6.38 21.78
CA ALA B 137 16.94 -6.58 22.83
C ALA B 137 16.32 -7.22 24.06
N ARG B 138 15.06 -6.93 24.35
CA ARG B 138 14.37 -7.51 25.50
C ARG B 138 13.66 -8.82 25.16
N GLY B 139 13.69 -9.25 23.90
CA GLY B 139 13.06 -10.51 23.53
C GLY B 139 11.56 -10.50 23.56
N PHE B 140 10.94 -9.32 23.56
CA PHE B 140 9.48 -9.23 23.57
C PHE B 140 9.08 -7.90 22.95
N GLY B 141 8.17 -7.97 21.97
CA GLY B 141 7.56 -6.76 21.45
C GLY B 141 6.22 -7.08 20.84
N ARG B 142 5.31 -6.10 20.91
CA ARG B 142 3.98 -6.21 20.30
C ARG B 142 3.67 -4.88 19.63
N ILE B 143 3.50 -4.90 18.31
CA ILE B 143 3.13 -3.71 17.55
C ILE B 143 1.78 -3.99 16.91
N VAL B 144 0.80 -3.12 17.16
CA VAL B 144 -0.54 -3.27 16.58
C VAL B 144 -0.86 -1.99 15.84
N ASN B 145 -1.14 -2.11 14.54
CA ASN B 145 -1.49 -0.96 13.72
C ASN B 145 -2.99 -0.95 13.49
N ILE B 146 -3.65 0.12 13.91
CA ILE B 146 -5.07 0.28 13.61
C ILE B 146 -5.17 0.83 12.19
N THR B 147 -5.68 0.02 11.26
CA THR B 147 -5.83 0.51 9.89
C THR B 147 -7.31 0.65 9.59
N SER B 148 -7.85 -0.16 8.67
CA SER B 148 -9.25 -0.01 8.28
C SER B 148 -9.71 -1.22 7.48
N SER B 149 -10.98 -1.55 7.62
CA SER B 149 -11.57 -2.55 6.73
C SER B 149 -11.46 -2.14 5.27
N ALA B 150 -11.27 -0.83 4.99
CA ALA B 150 -11.07 -0.39 3.62
C ALA B 150 -9.83 -0.99 2.98
N VAL B 151 -8.87 -1.46 3.78
CA VAL B 151 -7.70 -2.13 3.22
C VAL B 151 -8.11 -3.40 2.47
N LYS B 152 -9.18 -4.05 2.91
CA LYS B 152 -9.68 -5.24 2.21
C LYS B 152 -10.56 -4.88 1.04
N ALA B 153 -11.31 -3.79 1.14
CA ALA B 153 -12.31 -3.43 0.14
C ALA B 153 -12.32 -1.91 -0.03
N PRO B 154 -11.42 -1.37 -0.84
CA PRO B 154 -11.32 0.08 -0.95
C PRO B 154 -12.50 0.66 -1.72
N ILE B 155 -12.92 1.86 -1.33
CA ILE B 155 -13.90 2.62 -2.12
C ILE B 155 -13.27 3.90 -2.59
N ASP B 156 -13.71 4.36 -3.77
CA ASP B 156 -12.95 5.37 -4.51
C ASP B 156 -12.89 6.72 -3.78
N VAL B 157 -13.91 7.06 -2.97
CA VAL B 157 -13.87 8.35 -2.30
C VAL B 157 -12.84 8.39 -1.17
N LEU B 158 -12.35 7.25 -0.71
CA LEU B 158 -11.28 7.20 0.29
C LEU B 158 -9.93 6.87 -0.33
N ALA B 159 -9.67 7.43 -1.51
CA ALA B 159 -8.44 7.15 -2.24
C ALA B 159 -7.19 7.37 -1.38
N LEU B 160 -7.16 8.47 -0.62
CA LEU B 160 -5.96 8.81 0.13
C LEU B 160 -5.66 7.78 1.22
N SER B 161 -6.65 7.43 2.02
CA SER B 161 -6.37 6.43 3.05
C SER B 161 -6.32 5.02 2.47
N ASN B 162 -7.05 4.74 1.38
CA ASN B 162 -6.85 3.48 0.65
C ASN B 162 -5.38 3.27 0.36
N GLY B 163 -4.76 4.25 -0.30
CA GLY B 163 -3.37 4.09 -0.71
C GLY B 163 -2.40 4.05 0.46
N ALA B 164 -2.54 4.98 1.40
CA ALA B 164 -1.55 5.05 2.48
C ALA B 164 -1.66 3.83 3.41
N ARG B 165 -2.87 3.42 3.77
CA ARG B 165 -2.99 2.28 4.67
C ARG B 165 -2.57 0.98 3.98
N SER B 166 -2.86 0.86 2.67
CA SER B 166 -2.37 -0.29 1.93
C SER B 166 -0.86 -0.32 1.88
N GLY B 167 -0.22 0.84 1.73
CA GLY B 167 1.23 0.89 1.75
C GLY B 167 1.81 0.45 3.07
N LEU B 168 1.22 0.93 4.18
CA LEU B 168 1.65 0.44 5.50
C LEU B 168 1.48 -1.06 5.60
N THR B 169 0.35 -1.59 5.14
CA THR B 169 0.08 -3.02 5.24
C THR B 169 1.15 -3.83 4.49
N GLY B 170 1.55 -3.36 3.31
CA GLY B 170 2.56 -4.07 2.55
C GLY B 170 3.93 -4.05 3.22
N PHE B 171 4.30 -2.91 3.80
CA PHE B 171 5.54 -2.85 4.56
C PHE B 171 5.51 -3.81 5.75
N VAL B 172 4.42 -3.77 6.52
CA VAL B 172 4.30 -4.57 7.75
C VAL B 172 4.48 -6.04 7.43
N ALA B 173 3.86 -6.50 6.34
CA ALA B 173 3.98 -7.91 5.96
C ALA B 173 5.43 -8.35 5.84
N GLY B 174 6.27 -7.51 5.23
CA GLY B 174 7.67 -7.89 5.08
C GLY B 174 8.41 -7.89 6.41
N LEU B 175 8.23 -6.82 7.19
CA LEU B 175 8.99 -6.70 8.44
C LEU B 175 8.57 -7.76 9.46
N ALA B 176 7.28 -8.09 9.50
CA ALA B 176 6.78 -8.98 10.54
C ALA B 176 7.48 -10.33 10.50
N ARG B 177 7.77 -10.85 9.31
CA ARG B 177 8.47 -12.13 9.23
C ARG B 177 9.92 -12.01 9.68
N LYS B 178 10.50 -10.81 9.62
CA LYS B 178 11.92 -10.67 9.95
C LYS B 178 12.17 -10.65 11.46
N VAL B 179 11.20 -10.19 12.26
CA VAL B 179 11.44 -9.96 13.69
C VAL B 179 10.71 -10.94 14.61
N VAL B 180 9.82 -11.79 14.09
CA VAL B 180 9.02 -12.64 14.97
C VAL B 180 9.89 -13.65 15.71
N GLY B 181 10.94 -14.16 15.06
CA GLY B 181 11.86 -15.07 15.73
C GLY B 181 12.61 -14.45 16.89
N GLN B 182 12.58 -13.12 17.00
CA GLN B 182 13.19 -12.42 18.13
C GLN B 182 12.15 -12.00 19.17
N GLY B 183 10.92 -12.50 19.05
CA GLY B 183 9.90 -12.26 20.06
C GLY B 183 9.02 -11.07 19.83
N VAL B 184 9.10 -10.44 18.65
CA VAL B 184 8.32 -9.25 18.33
C VAL B 184 7.30 -9.64 17.26
N THR B 185 6.04 -9.34 17.52
CA THR B 185 5.00 -9.51 16.50
C THR B 185 4.49 -8.15 16.04
N ILE B 186 4.03 -8.12 14.79
CA ILE B 186 3.46 -6.92 14.18
C ILE B 186 2.19 -7.34 13.45
N ASN B 187 1.05 -6.82 13.89
CA ASN B 187 -0.25 -7.22 13.37
C ASN B 187 -1.10 -5.98 13.16
N ASN B 188 -2.07 -6.10 12.27
CA ASN B 188 -2.95 -4.99 11.94
C ASN B 188 -4.38 -5.33 12.35
N LEU B 189 -5.06 -4.37 12.96
CA LEU B 189 -6.48 -4.47 13.25
C LEU B 189 -7.24 -3.57 12.29
N LEU B 190 -8.26 -4.14 11.63
CA LEU B 190 -8.98 -3.48 10.53
C LEU B 190 -10.42 -3.21 10.95
N PRO B 191 -10.72 -2.05 11.52
CA PRO B 191 -12.10 -1.80 11.97
C PRO B 191 -13.03 -1.51 10.81
N GLY B 192 -14.23 -2.08 10.89
CA GLY B 192 -15.36 -1.61 10.11
C GLY B 192 -15.93 -0.36 10.77
N LEU B 193 -17.25 -0.30 10.96
CA LEU B 193 -17.88 0.89 11.50
C LEU B 193 -18.07 0.72 13.00
N PHE B 194 -17.52 1.64 13.79
CA PHE B 194 -17.54 1.56 15.24
C PHE B 194 -18.25 2.78 15.84
N ASP B 195 -18.85 2.57 17.01
CA ASP B 195 -19.69 3.55 17.68
C ASP B 195 -18.81 4.51 18.49
N THR B 196 -18.14 5.42 17.79
CA THR B 196 -17.29 6.42 18.44
C THR B 196 -17.86 7.81 18.27
N ASP B 197 -17.35 8.73 19.08
CA ASP B 197 -17.76 10.13 18.99
C ASP B 197 -17.48 10.70 17.59
N ARG B 198 -16.30 10.40 17.03
CA ARG B 198 -15.98 10.89 15.68
C ARG B 198 -17.01 10.41 14.66
N ILE B 199 -17.38 9.13 14.72
CA ILE B 199 -18.34 8.58 13.77
C ILE B 199 -19.70 9.22 13.96
N ALA B 200 -20.11 9.44 15.21
CA ALA B 200 -21.40 10.05 15.47
C ALA B 200 -21.43 11.49 14.95
N THR B 201 -20.31 12.19 15.09
CA THR B 201 -20.22 13.55 14.56
C THR B 201 -20.28 13.56 13.03
N THR B 202 -19.50 12.69 12.40
CA THR B 202 -19.51 12.62 10.94
C THR B 202 -20.88 12.22 10.41
N LEU B 203 -21.53 11.27 11.08
CA LEU B 203 -22.84 10.81 10.63
C LEU B 203 -23.87 11.94 10.70
N ALA B 204 -23.80 12.77 11.75
CA ALA B 204 -24.78 13.84 11.89
C ALA B 204 -24.63 14.89 10.80
N ALA B 205 -23.40 15.17 10.38
CA ALA B 205 -23.18 16.13 9.31
C ALA B 205 -23.67 15.59 7.98
N ALA B 206 -23.59 14.27 7.78
CA ALA B 206 -24.13 13.68 6.56
C ALA B 206 -25.66 13.63 6.60
N ALA B 207 -26.24 13.44 7.79
CA ALA B 207 -27.69 13.45 7.91
C ALA B 207 -28.25 14.85 7.69
N ASN B 208 -27.55 15.88 8.20
CA ASN B 208 -27.98 17.25 7.97
C ASN B 208 -27.71 17.70 6.54
N ALA B 209 -26.67 17.14 5.90
CA ALA B 209 -26.40 17.46 4.51
C ALA B 209 -27.38 16.75 3.58
N GLN B 210 -27.71 15.49 3.88
CA GLN B 210 -28.63 14.72 3.07
C GLN B 210 -30.09 15.03 3.38
N GLY B 211 -30.36 15.81 4.43
CA GLY B 211 -31.73 16.13 4.79
C GLY B 211 -32.51 15.00 5.43
N VAL B 212 -31.83 14.05 6.07
CA VAL B 212 -32.46 12.89 6.67
C VAL B 212 -32.25 12.94 8.18
N THR B 213 -33.08 12.19 8.90
CA THR B 213 -32.89 12.04 10.34
C THR B 213 -31.59 11.28 10.62
N VAL B 214 -31.02 11.53 11.80
CA VAL B 214 -29.85 10.76 12.21
C VAL B 214 -30.21 9.30 12.36
N ASP B 215 -31.42 9.01 12.87
CA ASP B 215 -31.88 7.64 12.96
C ASP B 215 -31.95 6.99 11.58
N GLU B 216 -32.51 7.71 10.60
CA GLU B 216 -32.62 7.17 9.25
C GLU B 216 -31.26 6.80 8.67
N LEU B 217 -30.27 7.67 8.84
CA LEU B 217 -28.95 7.38 8.28
C LEU B 217 -28.22 6.31 9.08
N ARG B 218 -28.39 6.29 10.41
CA ARG B 218 -27.81 5.23 11.22
C ARG B 218 -28.36 3.87 10.80
N ALA B 219 -29.67 3.78 10.59
CA ALA B 219 -30.27 2.52 10.19
C ALA B 219 -29.78 2.08 8.82
N ARG B 220 -29.58 3.03 7.91
CA ARG B 220 -29.17 2.68 6.55
C ARG B 220 -27.80 2.01 6.55
N ARG B 221 -26.85 2.57 7.29
CA ARG B 221 -25.52 1.97 7.35
C ARG B 221 -25.52 0.67 8.14
N THR B 222 -26.41 0.54 9.12
CA THR B 222 -26.51 -0.73 9.84
C THR B 222 -27.06 -1.83 8.94
N ARG B 223 -27.92 -1.48 7.98
CA ARG B 223 -28.41 -2.48 7.04
C ARG B 223 -27.30 -3.09 6.20
N ASP B 224 -26.18 -2.39 6.03
CA ASP B 224 -25.06 -2.95 5.29
C ASP B 224 -24.10 -3.75 6.18
N ILE B 225 -24.43 -3.93 7.45
CA ILE B 225 -23.59 -4.71 8.37
C ILE B 225 -24.35 -5.95 8.76
N PRO B 226 -23.91 -7.15 8.37
CA PRO B 226 -24.63 -8.38 8.75
C PRO B 226 -24.82 -8.54 10.26
N ALA B 227 -23.85 -8.09 11.09
CA ALA B 227 -24.05 -8.16 12.53
C ALA B 227 -25.19 -7.27 13.02
N GLY B 228 -25.65 -6.32 12.21
CA GLY B 228 -26.79 -5.50 12.58
C GLY B 228 -26.54 -4.50 13.69
N ARG B 229 -25.29 -4.11 13.93
CA ARG B 229 -24.94 -3.14 14.95
C ARG B 229 -23.60 -2.54 14.59
N LEU B 230 -23.21 -1.49 15.30
CA LEU B 230 -21.85 -0.96 15.21
C LEU B 230 -20.95 -1.69 16.18
N GLY B 231 -19.64 -1.65 15.89
CA GLY B 231 -18.67 -2.17 16.84
C GLY B 231 -18.49 -1.26 18.03
N THR B 232 -17.95 -1.81 19.12
CA THR B 232 -17.62 -1.03 20.31
C THR B 232 -16.12 -0.88 20.48
N ARG B 233 -15.70 0.25 21.05
CA ARG B 233 -14.28 0.42 21.33
C ARG B 233 -13.79 -0.61 22.33
N ALA B 234 -14.69 -1.16 23.16
CA ALA B 234 -14.29 -2.18 24.13
C ALA B 234 -13.92 -3.49 23.45
N GLU B 235 -14.78 -3.98 22.53
CA GLU B 235 -14.42 -5.24 21.90
C GLU B 235 -13.21 -5.06 20.99
N PHE B 236 -13.04 -3.86 20.43
CA PHE B 236 -11.85 -3.60 19.65
C PHE B 236 -10.60 -3.62 20.54
N GLY B 237 -10.68 -2.93 21.68
CA GLY B 237 -9.58 -2.98 22.63
C GLY B 237 -9.27 -4.38 23.12
N ALA B 238 -10.31 -5.21 23.28
CA ALA B 238 -10.09 -6.58 23.74
C ALA B 238 -9.26 -7.37 22.74
N ALA B 239 -9.56 -7.22 21.44
CA ALA B 239 -8.77 -7.88 20.42
C ALA B 239 -7.34 -7.36 20.41
N CYS B 240 -7.18 -6.04 20.56
CA CYS B 240 -5.84 -5.48 20.69
C CYS B 240 -5.07 -6.12 21.84
N ALA B 241 -5.71 -6.21 23.02
CA ALA B 241 -5.04 -6.77 24.19
C ALA B 241 -4.65 -8.22 23.96
N PHE B 242 -5.51 -9.01 23.32
CA PHE B 242 -5.14 -10.39 23.03
C PHE B 242 -3.91 -10.46 22.12
N LEU B 243 -3.88 -9.63 21.07
CA LEU B 243 -2.70 -9.64 20.20
C LEU B 243 -1.44 -9.25 20.96
N CYS B 244 -1.58 -8.38 21.97
CA CYS B 244 -0.45 -7.93 22.77
C CYS B 244 -0.03 -8.94 23.84
N SER B 245 -0.73 -10.06 23.96
CA SER B 245 -0.54 -10.98 25.08
C SER B 245 0.58 -11.97 24.83
N VAL B 246 0.97 -12.67 25.90
CA VAL B 246 1.90 -13.79 25.79
C VAL B 246 1.30 -15.00 25.08
N HIS B 247 0.00 -14.99 24.78
CA HIS B 247 -0.62 -16.08 24.04
C HIS B 247 -0.67 -15.85 22.55
N ALA B 248 -0.09 -14.74 22.05
CA ALA B 248 -0.19 -14.42 20.63
C ALA B 248 1.18 -14.32 19.96
N GLY B 249 2.21 -14.94 20.53
CA GLY B 249 3.55 -14.85 19.97
C GLY B 249 3.77 -15.62 18.69
N TYR B 250 2.84 -16.49 18.31
CA TYR B 250 2.91 -17.24 17.06
C TYR B 250 2.07 -16.58 15.97
N ILE B 251 1.51 -15.40 16.24
CA ILE B 251 0.64 -14.68 15.33
C ILE B 251 1.35 -13.41 14.89
N THR B 252 1.67 -13.31 13.60
CA THR B 252 2.32 -12.09 13.15
C THR B 252 1.97 -11.85 11.69
N GLY B 253 2.06 -10.58 11.30
CA GLY B 253 1.70 -10.21 9.94
C GLY B 253 0.26 -10.43 9.59
N GLN B 254 -0.62 -10.49 10.58
CA GLN B 254 -2.02 -10.79 10.28
C GLN B 254 -2.81 -9.49 10.14
N ASN B 255 -3.96 -9.59 9.45
CA ASN B 255 -4.87 -8.46 9.23
C ASN B 255 -6.24 -8.93 9.71
N TRP B 256 -6.55 -8.64 10.98
CA TRP B 256 -7.77 -9.10 11.60
C TRP B 256 -8.90 -8.11 11.33
N LEU B 257 -9.93 -8.59 10.66
CA LEU B 257 -11.06 -7.76 10.25
C LEU B 257 -12.12 -7.80 11.36
N LEU B 258 -12.44 -6.62 11.89
CA LEU B 258 -13.48 -6.48 12.91
C LEU B 258 -14.56 -5.60 12.31
N ASP B 259 -15.47 -6.21 11.54
CA ASP B 259 -16.42 -5.41 10.79
C ASP B 259 -17.81 -6.04 10.76
N GLY B 260 -18.11 -6.97 11.66
CA GLY B 260 -19.44 -7.56 11.70
C GLY B 260 -19.83 -8.31 10.44
N GLY B 261 -18.86 -8.80 9.68
CA GLY B 261 -19.14 -9.52 8.44
C GLY B 261 -19.40 -8.66 7.23
N ALA B 262 -19.19 -7.34 7.33
CA ALA B 262 -19.58 -6.44 6.25
C ALA B 262 -18.84 -6.77 4.95
N TYR B 263 -17.53 -7.00 5.02
CA TYR B 263 -16.77 -7.35 3.81
C TYR B 263 -17.11 -8.78 3.39
N PRO B 264 -17.48 -9.02 2.14
CA PRO B 264 -17.97 -10.35 1.75
C PRO B 264 -16.92 -11.34 1.26
N GLY B 265 -15.64 -10.99 1.25
CA GLY B 265 -14.63 -11.89 0.69
C GLY B 265 -14.36 -13.09 1.59
N THR B 266 -14.16 -14.25 0.96
CA THR B 266 -13.75 -15.45 1.69
C THR B 266 -12.50 -15.18 2.51
N PHE B 267 -11.51 -14.55 1.88
CA PHE B 267 -10.26 -14.14 2.50
C PHE B 267 -10.13 -12.63 2.40
#